data_7UKA
#
_entry.id   7UKA
#
_cell.length_a   88.131
_cell.length_b   88.131
_cell.length_c   139.909
_cell.angle_alpha   90.000
_cell.angle_beta   90.000
_cell.angle_gamma   120.000
#
_symmetry.space_group_name_H-M   'P 31 2 1'
#
loop_
_entity.id
_entity.type
_entity.pdbx_description
1 polymer 'Putative acid--amine ligase YgiC'
2 non-polymer "ADENOSINE-5'-DIPHOSPHATE"
3 non-polymer 'NICKEL (II) ION'
4 non-polymer 'SULFATE ION'
5 water water
#
_entity_poly.entity_id   1
_entity_poly.type   'polypeptide(L)'
_entity_poly.pdbx_seq_one_letter_code
;MGHHHHHHMERVSITERPDWREKAHEYGFNFHTMYGEPYWCEDAYYKLTLAQVEKLEEVTAELHQMCLKVVEKVIASDEL
MTKFRIPKHTWSFVRQSWLTHQPSLYSRLDLAWDGTGEPKLLENNADTPTSLYEAAFFQWIWLEDQLNAGNLPEGSDQFN
SLQEKLIDRFVELREQYGFQLLHLTCCRDTVEDRGTIQYLQDCATEAEIATEFLYIDDIGLGEKGQFTDLQDQVISNLFK
LYPWEFMLREMFSTKLEDAGVRWLEPAWKSIISNKALLPLLWEMFPNHPNLLPAYFAEDDHPQMEKYVVKPIFSREGANV
SIIENGKTIEAAEGPYGEEGMIVQQFHPLPKFGDSYMLIGSWLVNDQPAGIGIREDRALITQDMSRFYPHIFVE
;
_entity_poly.pdbx_strand_id   A
#
# COMPACT_ATOMS: atom_id res chain seq x y z
N HIS A 6 -21.09 14.49 13.00
CA HIS A 6 -21.44 13.24 13.66
C HIS A 6 -20.55 12.11 13.12
N HIS A 7 -19.79 11.48 14.01
CA HIS A 7 -19.00 10.30 13.67
C HIS A 7 -19.22 9.25 14.76
N HIS A 8 -18.95 8.00 14.40
CA HIS A 8 -18.93 6.91 15.36
C HIS A 8 -17.52 6.51 15.81
N MET A 9 -16.50 7.23 15.36
CA MET A 9 -15.15 7.17 15.91
C MET A 9 -14.84 8.55 16.45
N GLU A 10 -13.99 8.63 17.47
CA GLU A 10 -13.61 9.96 17.95
C GLU A 10 -12.11 10.15 17.93
N ARG A 11 -11.71 11.40 17.69
CA ARG A 11 -10.32 11.85 17.75
C ARG A 11 -10.07 12.37 19.16
N VAL A 12 -9.28 11.63 19.93
CA VAL A 12 -9.05 11.90 21.35
C VAL A 12 -7.71 12.61 21.48
N SER A 13 -7.74 13.85 21.96
CA SER A 13 -6.50 14.53 22.30
C SER A 13 -5.78 13.75 23.40
N ILE A 14 -4.44 13.78 23.36
CA ILE A 14 -3.64 13.07 24.34
C ILE A 14 -2.34 13.84 24.52
N THR A 15 -1.73 13.66 25.69
CA THR A 15 -0.44 14.28 25.96
C THR A 15 0.65 13.52 25.23
N GLU A 16 1.44 14.24 24.42
CA GLU A 16 2.51 13.60 23.69
C GLU A 16 3.47 12.93 24.65
N ARG A 17 3.99 11.78 24.24
CA ARG A 17 5.11 11.21 24.96
C ARG A 17 6.29 12.17 24.93
N PRO A 18 7.08 12.23 26.00
CA PRO A 18 8.15 13.23 26.06
C PRO A 18 9.39 12.89 25.26
N ASP A 19 9.65 11.61 24.97
CA ASP A 19 10.87 11.22 24.28
C ASP A 19 10.58 10.48 22.98
N TRP A 20 9.48 10.81 22.29
CA TRP A 20 9.14 10.04 21.09
C TRP A 20 10.05 10.36 19.92
N ARG A 21 10.49 11.61 19.79
CA ARG A 21 11.46 11.94 18.75
C ARG A 21 12.76 11.15 18.91
N GLU A 22 13.24 10.96 20.14
CA GLU A 22 14.47 10.19 20.31
C GLU A 22 14.21 8.69 20.22
N LYS A 23 13.01 8.21 20.58
CA LYS A 23 12.67 6.82 20.32
C LYS A 23 12.74 6.55 18.82
N ALA A 24 12.16 7.44 18.01
CA ALA A 24 12.27 7.34 16.56
C ALA A 24 13.73 7.33 16.12
N HIS A 25 14.52 8.30 16.55
CA HIS A 25 15.94 8.32 16.22
C HIS A 25 16.62 7.02 16.65
N GLU A 26 16.27 6.49 17.82
CA GLU A 26 16.91 5.27 18.28
C GLU A 26 16.55 4.08 17.39
N TYR A 27 15.32 4.02 16.90
CA TYR A 27 14.92 2.93 16.02
C TYR A 27 15.26 3.18 14.56
N GLY A 28 15.86 4.32 14.23
CA GLY A 28 16.15 4.64 12.84
C GLY A 28 14.89 4.96 12.04
N PHE A 29 13.99 5.74 12.63
CA PHE A 29 12.75 6.17 11.99
C PHE A 29 12.80 7.68 11.76
N ASN A 30 12.92 8.07 10.49
CA ASN A 30 12.88 9.49 10.11
C ASN A 30 11.40 9.85 9.90
N PHE A 31 10.79 10.41 10.95
CA PHE A 31 9.35 10.73 11.00
C PHE A 31 8.95 11.91 10.13
N HIS A 32 9.88 12.52 9.40
CA HIS A 32 9.55 13.67 8.58
C HIS A 32 8.83 13.23 7.30
N THR A 33 8.02 14.14 6.74
CA THR A 33 7.32 13.87 5.48
C THR A 33 8.32 13.73 4.34
N MET A 34 8.15 12.70 3.51
CA MET A 34 9.06 12.48 2.38
C MET A 34 8.41 11.52 1.40
N TYR A 35 8.32 11.91 0.13
CA TYR A 35 7.85 11.05 -0.96
C TYR A 35 6.51 10.39 -0.63
N GLY A 36 5.60 11.16 -0.04
CA GLY A 36 4.30 10.64 0.30
C GLY A 36 4.22 9.94 1.63
N GLU A 37 5.35 9.68 2.29
CA GLU A 37 5.31 9.18 3.67
C GLU A 37 4.81 10.30 4.58
N PRO A 38 3.85 10.02 5.48
CA PRO A 38 3.27 11.09 6.31
C PRO A 38 4.12 11.44 7.52
N TYR A 39 3.86 12.63 8.07
CA TYR A 39 4.54 13.11 9.28
C TYR A 39 3.84 12.53 10.51
N TRP A 40 4.61 11.83 11.34
CA TRP A 40 4.05 11.20 12.54
C TRP A 40 3.56 12.25 13.53
N CYS A 41 2.40 12.00 14.12
CA CYS A 41 1.80 12.87 15.13
C CYS A 41 1.24 12.03 16.26
N GLU A 42 1.33 12.54 17.49
CA GLU A 42 0.75 11.81 18.61
C GLU A 42 0.23 12.76 19.69
N ASP A 43 -0.11 14.00 19.32
CA ASP A 43 -0.93 14.84 20.19
C ASP A 43 -2.40 14.43 20.20
N ALA A 44 -2.72 13.33 19.52
CA ALA A 44 -4.08 12.82 19.46
C ALA A 44 -4.03 11.36 19.01
N TYR A 45 -5.12 10.64 19.25
CA TYR A 45 -5.27 9.32 18.66
C TYR A 45 -6.73 9.13 18.30
N TYR A 46 -6.98 8.17 17.42
CA TYR A 46 -8.34 7.82 17.03
C TYR A 46 -8.80 6.62 17.82
N LYS A 47 -10.05 6.65 18.25
CA LYS A 47 -10.61 5.61 19.10
C LYS A 47 -11.75 4.94 18.37
N LEU A 48 -11.58 3.66 18.07
CA LEU A 48 -12.55 2.83 17.38
C LEU A 48 -13.13 1.81 18.35
N THR A 49 -14.17 1.14 17.90
CA THR A 49 -14.76 0.02 18.62
C THR A 49 -14.37 -1.28 17.96
N LEU A 50 -14.55 -2.37 18.71
CA LEU A 50 -14.27 -3.70 18.19
C LEU A 50 -15.12 -4.02 16.96
N ALA A 51 -16.39 -3.59 16.98
CA ALA A 51 -17.27 -3.84 15.85
C ALA A 51 -16.73 -3.19 14.58
N GLN A 52 -16.29 -1.93 14.69
CA GLN A 52 -15.74 -1.21 13.54
C GLN A 52 -14.51 -1.92 12.97
N VAL A 53 -13.68 -2.50 13.84
CA VAL A 53 -12.45 -3.16 13.41
C VAL A 53 -12.75 -4.50 12.75
N GLU A 54 -13.69 -5.25 13.31
CA GLU A 54 -14.11 -6.48 12.64
C GLU A 54 -14.71 -6.17 11.28
N LYS A 55 -15.46 -5.09 11.17
CA LYS A 55 -16.00 -4.65 9.89
C LYS A 55 -14.88 -4.33 8.90
N LEU A 56 -13.92 -3.50 9.32
CA LEU A 56 -12.78 -3.16 8.46
C LEU A 56 -12.05 -4.41 7.99
N GLU A 57 -11.84 -5.37 8.90
CA GLU A 57 -11.16 -6.61 8.53
C GLU A 57 -11.96 -7.36 7.47
N GLU A 58 -13.25 -7.56 7.71
CA GLU A 58 -14.13 -8.22 6.77
C GLU A 58 -14.04 -7.59 5.39
N VAL A 59 -14.25 -6.28 5.32
CA VAL A 59 -14.29 -5.55 4.06
C VAL A 59 -12.94 -5.63 3.35
N THR A 60 -11.85 -5.51 4.11
CA THR A 60 -10.51 -5.53 3.54
C THR A 60 -10.22 -6.85 2.86
N ALA A 61 -10.57 -7.96 3.49
CA ALA A 61 -10.30 -9.27 2.90
C ALA A 61 -11.11 -9.51 1.63
N GLU A 62 -12.38 -9.08 1.63
CA GLU A 62 -13.22 -9.25 0.45
C GLU A 62 -12.77 -8.35 -0.70
N LEU A 63 -12.50 -7.07 -0.41
CA LEU A 63 -12.00 -6.17 -1.45
C LEU A 63 -10.73 -6.70 -2.08
N HIS A 64 -9.91 -7.38 -1.28
CA HIS A 64 -8.71 -7.97 -1.88
C HIS A 64 -9.08 -9.06 -2.85
N GLN A 65 -10.00 -9.95 -2.46
CA GLN A 65 -10.45 -10.99 -3.39
C GLN A 65 -11.11 -10.38 -4.62
N MET A 66 -11.83 -9.27 -4.45
CA MET A 66 -12.43 -8.62 -5.62
C MET A 66 -11.36 -8.06 -6.55
N CYS A 67 -10.21 -7.65 -5.99
CA CYS A 67 -9.11 -7.14 -6.80
C CYS A 67 -8.43 -8.26 -7.57
N LEU A 68 -8.24 -9.42 -6.95
CA LEU A 68 -7.69 -10.54 -7.70
C LEU A 68 -8.60 -10.93 -8.87
N LYS A 69 -9.93 -10.80 -8.71
CA LYS A 69 -10.82 -11.10 -9.84
C LYS A 69 -10.61 -10.11 -10.98
N VAL A 70 -10.42 -8.82 -10.66
CA VAL A 70 -10.08 -7.83 -11.67
C VAL A 70 -8.84 -8.25 -12.45
N VAL A 71 -7.77 -8.58 -11.74
CA VAL A 71 -6.52 -8.95 -12.41
C VAL A 71 -6.76 -10.11 -13.36
N GLU A 72 -7.49 -11.13 -12.91
CA GLU A 72 -7.75 -12.30 -13.74
C GLU A 72 -8.37 -11.89 -15.07
N LYS A 73 -9.40 -11.04 -15.03
CA LYS A 73 -10.07 -10.55 -16.23
C LYS A 73 -9.14 -9.68 -17.09
N VAL A 74 -8.50 -8.67 -16.49
CA VAL A 74 -7.57 -7.80 -17.22
C VAL A 74 -6.50 -8.62 -17.95
N ILE A 75 -5.83 -9.52 -17.24
CA ILE A 75 -4.72 -10.27 -17.81
C ILE A 75 -5.13 -11.01 -19.09
N ALA A 76 -6.40 -11.37 -19.20
CA ALA A 76 -6.88 -12.23 -20.28
C ALA A 76 -7.44 -11.46 -21.47
N SER A 77 -7.26 -10.13 -21.54
CA SER A 77 -7.78 -9.39 -22.68
C SER A 77 -6.87 -8.22 -23.01
N ASP A 78 -6.25 -8.27 -24.20
CA ASP A 78 -5.45 -7.14 -24.69
C ASP A 78 -6.18 -5.83 -24.58
N GLU A 79 -7.52 -5.86 -24.72
CA GLU A 79 -8.31 -4.64 -24.59
C GLU A 79 -8.17 -4.04 -23.20
N LEU A 80 -8.33 -4.85 -22.15
CA LEU A 80 -8.23 -4.31 -20.80
C LEU A 80 -6.80 -3.94 -20.43
N MET A 81 -5.82 -4.76 -20.84
CA MET A 81 -4.42 -4.39 -20.66
C MET A 81 -4.13 -3.04 -21.29
N THR A 82 -4.79 -2.71 -22.40
CA THR A 82 -4.62 -1.40 -23.02
C THR A 82 -5.36 -0.32 -22.24
N LYS A 83 -6.63 -0.54 -21.91
CA LYS A 83 -7.35 0.43 -21.11
C LYS A 83 -6.63 0.72 -19.79
N PHE A 84 -5.90 -0.25 -19.27
CA PHE A 84 -5.09 -0.07 -18.06
C PHE A 84 -3.74 0.58 -18.35
N ARG A 85 -3.45 0.88 -19.61
CA ARG A 85 -2.22 1.54 -20.04
C ARG A 85 -0.98 0.75 -19.66
N ILE A 86 -1.09 -0.57 -19.57
CA ILE A 86 0.11 -1.37 -19.37
C ILE A 86 0.90 -1.39 -20.67
N PRO A 87 2.18 -0.99 -20.64
CA PRO A 87 2.92 -0.85 -21.90
C PRO A 87 3.05 -2.17 -22.64
N LYS A 88 2.65 -2.15 -23.91
CA LYS A 88 2.52 -3.37 -24.69
C LYS A 88 3.80 -4.20 -24.64
N HIS A 89 4.96 -3.56 -24.63
CA HIS A 89 6.21 -4.32 -24.62
C HIS A 89 6.49 -5.02 -23.30
N THR A 90 5.68 -4.79 -22.26
CA THR A 90 5.81 -5.47 -20.97
C THR A 90 4.67 -6.45 -20.73
N TRP A 91 3.75 -6.59 -21.68
CA TRP A 91 2.58 -7.45 -21.48
C TRP A 91 2.97 -8.87 -21.10
N SER A 92 3.91 -9.47 -21.84
CA SER A 92 4.32 -10.84 -21.54
C SER A 92 4.92 -10.95 -20.14
N PHE A 93 5.76 -9.98 -19.77
CA PHE A 93 6.32 -9.93 -18.42
C PHE A 93 5.22 -9.88 -17.36
N VAL A 94 4.27 -8.96 -17.51
CA VAL A 94 3.20 -8.83 -16.50
C VAL A 94 2.31 -10.07 -16.49
N ARG A 95 1.98 -10.59 -17.68
CA ARG A 95 1.07 -11.74 -17.74
C ARG A 95 1.68 -12.99 -17.14
N GLN A 96 2.91 -13.31 -17.53
CA GLN A 96 3.62 -14.46 -16.97
C GLN A 96 3.80 -14.34 -15.48
N SER A 97 3.94 -13.11 -14.96
CA SER A 97 4.04 -12.94 -13.51
C SER A 97 2.77 -13.39 -12.81
N TRP A 98 1.63 -13.16 -13.45
CA TRP A 98 0.34 -13.63 -12.94
C TRP A 98 0.09 -15.10 -13.24
N LEU A 99 0.50 -15.58 -14.41
CA LEU A 99 0.22 -16.98 -14.75
C LEU A 99 1.16 -17.95 -14.06
N THR A 100 2.28 -17.49 -13.51
CA THR A 100 3.14 -18.32 -12.68
C THR A 100 2.84 -18.15 -11.19
N HIS A 101 1.83 -17.36 -10.84
CA HIS A 101 1.35 -17.18 -9.47
C HIS A 101 2.45 -16.60 -8.57
N GLN A 102 3.09 -15.54 -9.05
CA GLN A 102 4.15 -14.91 -8.29
C GLN A 102 3.58 -14.33 -7.01
N PRO A 103 4.21 -14.54 -5.87
CA PRO A 103 3.60 -14.18 -4.59
C PRO A 103 3.73 -12.70 -4.25
N SER A 104 2.74 -12.22 -3.50
CA SER A 104 2.65 -10.87 -2.99
C SER A 104 3.04 -10.84 -1.52
N LEU A 105 3.67 -9.74 -1.12
CA LEU A 105 3.95 -9.44 0.29
C LEU A 105 2.88 -8.56 0.93
N TYR A 106 2.54 -7.41 0.35
CA TYR A 106 1.62 -6.51 1.03
C TYR A 106 0.86 -5.57 0.07
N SER A 107 -0.19 -4.95 0.63
CA SER A 107 -1.03 -3.97 -0.04
C SER A 107 -1.59 -3.07 1.03
N ARG A 108 -2.04 -1.88 0.64
CA ARG A 108 -2.77 -1.03 1.58
C ARG A 108 -3.97 -0.38 0.89
N LEU A 109 -5.16 -0.62 1.42
CA LEU A 109 -6.38 -0.01 0.93
C LEU A 109 -6.57 1.37 1.54
N ASP A 110 -6.95 2.35 0.70
CA ASP A 110 -7.43 3.65 1.18
C ASP A 110 -8.95 3.55 1.33
N LEU A 111 -9.46 3.64 2.57
CA LEU A 111 -10.88 3.48 2.85
C LEU A 111 -11.44 4.74 3.50
N ALA A 112 -12.49 5.32 2.93
CA ALA A 112 -13.19 6.43 3.56
C ALA A 112 -14.25 5.88 4.52
N TRP A 113 -14.16 6.24 5.81
CA TRP A 113 -15.10 5.71 6.79
C TRP A 113 -14.93 6.43 8.12
N ASP A 114 -16.08 6.70 8.76
CA ASP A 114 -16.09 7.29 10.10
C ASP A 114 -16.88 6.45 11.09
N GLY A 115 -17.19 5.20 10.75
CA GLY A 115 -18.08 4.38 11.54
C GLY A 115 -19.51 4.35 11.05
N THR A 116 -19.96 5.38 10.35
CA THR A 116 -21.33 5.44 9.84
C THR A 116 -21.36 4.96 8.40
N GLY A 117 -22.45 4.29 8.03
CA GLY A 117 -22.52 3.78 6.68
C GLY A 117 -21.49 2.68 6.42
N GLU A 118 -21.20 2.48 5.14
CA GLU A 118 -20.23 1.48 4.69
C GLU A 118 -18.90 2.12 4.32
N PRO A 119 -17.78 1.46 4.62
CA PRO A 119 -16.48 1.97 4.16
C PRO A 119 -16.39 1.94 2.63
N LYS A 120 -15.71 2.92 2.07
CA LYS A 120 -15.61 3.05 0.62
C LYS A 120 -14.15 2.99 0.16
N LEU A 121 -13.88 2.15 -0.85
CA LEU A 121 -12.54 2.01 -1.43
C LEU A 121 -12.23 3.22 -2.30
N LEU A 122 -11.34 4.08 -1.84
CA LEU A 122 -10.84 5.14 -2.72
C LEU A 122 -9.78 4.62 -3.69
N GLU A 123 -8.85 3.80 -3.22
CA GLU A 123 -7.79 3.24 -4.06
C GLU A 123 -7.12 2.10 -3.31
N ASN A 124 -6.43 1.25 -4.06
CA ASN A 124 -5.65 0.14 -3.51
C ASN A 124 -4.19 0.44 -3.83
N ASN A 125 -3.42 0.83 -2.80
CA ASN A 125 -1.96 1.02 -2.90
C ASN A 125 -1.30 -0.35 -2.79
N ALA A 126 -1.15 -1.02 -3.93
CA ALA A 126 -0.76 -2.44 -3.96
C ALA A 126 0.66 -2.65 -4.46
N ASP A 127 1.50 -1.61 -4.50
CA ASP A 127 2.81 -1.73 -5.12
C ASP A 127 3.87 -1.23 -4.15
N THR A 128 3.84 0.05 -3.79
CA THR A 128 4.75 0.63 -2.83
C THR A 128 3.94 1.46 -1.81
N PRO A 129 3.12 0.81 -0.99
CA PRO A 129 2.32 1.62 -0.05
C PRO A 129 3.18 2.21 1.05
N THR A 130 2.88 3.47 1.38
CA THR A 130 3.60 4.22 2.39
C THR A 130 3.04 3.99 3.80
N SER A 131 3.81 4.47 4.78
CA SER A 131 3.46 4.51 6.21
C SER A 131 3.51 3.13 6.86
N LEU A 132 4.27 2.21 6.26
CA LEU A 132 4.37 0.86 6.80
C LEU A 132 5.00 0.85 8.20
N TYR A 133 6.14 1.53 8.37
CA TYR A 133 6.84 1.50 9.65
C TYR A 133 5.95 1.96 10.80
N GLU A 134 5.35 3.16 10.67
CA GLU A 134 4.48 3.69 11.71
C GLU A 134 3.34 2.72 12.03
N ALA A 135 2.73 2.13 11.00
CA ALA A 135 1.56 1.29 11.22
C ALA A 135 1.93 -0.03 11.88
N ALA A 136 3.05 -0.63 11.46
CA ALA A 136 3.41 -1.93 11.99
C ALA A 136 4.11 -1.80 13.34
N PHE A 137 5.00 -0.83 13.47
CA PHE A 137 5.90 -0.86 14.61
C PHE A 137 5.74 0.35 15.51
N PHE A 138 5.82 1.56 14.96
CA PHE A 138 5.91 2.72 15.81
C PHE A 138 4.61 2.92 16.61
N GLN A 139 3.46 2.71 15.99
CA GLN A 139 2.22 2.94 16.74
C GLN A 139 1.97 1.83 17.77
N TRP A 140 2.61 0.66 17.61
CA TRP A 140 2.49 -0.38 18.62
C TRP A 140 3.31 -0.01 19.86
N ILE A 141 4.53 0.50 19.66
CA ILE A 141 5.30 1.01 20.80
C ILE A 141 4.55 2.14 21.48
N TRP A 142 3.92 3.02 20.68
CA TRP A 142 3.13 4.11 21.26
C TRP A 142 2.02 3.57 22.15
N LEU A 143 1.39 2.48 21.75
CA LEU A 143 0.33 1.89 22.57
C LEU A 143 0.89 1.33 23.87
N GLU A 144 1.92 0.48 23.76
CA GLU A 144 2.57 -0.06 24.96
C GLU A 144 3.00 1.05 25.92
N ASP A 145 3.55 2.14 25.38
CA ASP A 145 4.01 3.24 26.21
C ASP A 145 2.86 3.95 26.92
N GLN A 146 1.88 4.43 26.15
CA GLN A 146 0.82 5.23 26.74
C GLN A 146 -0.11 4.39 27.60
N LEU A 147 -0.14 3.07 27.42
CA LEU A 147 -0.77 2.23 28.43
C LEU A 147 -0.01 2.29 29.74
N ASN A 148 1.29 1.97 29.70
CA ASN A 148 2.11 2.00 30.91
C ASN A 148 2.06 3.34 31.62
N ALA A 149 2.02 4.44 30.87
CA ALA A 149 1.84 5.76 31.47
C ALA A 149 0.40 6.03 31.91
N GLY A 150 -0.52 5.08 31.68
CA GLY A 150 -1.89 5.25 32.10
C GLY A 150 -2.66 6.36 31.40
N ASN A 151 -2.30 6.68 30.15
CA ASN A 151 -3.01 7.74 29.43
C ASN A 151 -4.04 7.18 28.45
N LEU A 152 -4.32 5.87 28.50
CA LEU A 152 -5.28 5.19 27.65
C LEU A 152 -6.22 4.31 28.48
N PRO A 153 -7.45 4.09 28.03
CA PRO A 153 -8.37 3.18 28.71
C PRO A 153 -7.76 1.81 28.97
N GLU A 154 -8.16 1.20 30.09
CA GLU A 154 -7.44 0.05 30.63
C GLU A 154 -7.45 -1.16 29.69
N GLY A 155 -8.49 -1.32 28.88
CA GLY A 155 -8.57 -2.48 28.01
C GLY A 155 -8.22 -2.21 26.55
N SER A 156 -7.42 -1.17 26.31
CA SER A 156 -7.17 -0.69 24.96
C SER A 156 -6.39 -1.72 24.15
N ASP A 157 -6.85 -1.97 22.92
CA ASP A 157 -6.12 -2.81 21.99
C ASP A 157 -5.82 -2.00 20.72
N GLN A 158 -5.44 -2.69 19.65
CA GLN A 158 -5.06 -2.02 18.42
C GLN A 158 -5.20 -2.99 17.27
N PHE A 159 -5.84 -2.55 16.20
CA PHE A 159 -5.99 -3.40 15.02
C PHE A 159 -4.68 -3.37 14.25
N ASN A 160 -3.76 -4.29 14.57
CA ASN A 160 -2.40 -4.24 14.07
C ASN A 160 -1.72 -5.59 14.35
N SER A 161 -1.70 -6.47 13.34
CA SER A 161 -0.84 -7.65 13.39
C SER A 161 0.18 -7.62 12.26
N LEU A 162 0.56 -6.43 11.81
CA LEU A 162 1.42 -6.30 10.63
C LEU A 162 2.76 -7.02 10.82
N GLN A 163 3.42 -6.78 11.95
CA GLN A 163 4.77 -7.36 12.12
C GLN A 163 4.72 -8.87 12.13
N GLU A 164 3.80 -9.45 12.91
CA GLU A 164 3.65 -10.89 12.97
C GLU A 164 3.35 -11.49 11.60
N LYS A 165 2.39 -10.91 10.89
CA LYS A 165 2.04 -11.41 9.56
C LYS A 165 3.16 -11.22 8.56
N LEU A 166 3.89 -10.11 8.63
CA LEU A 166 5.00 -9.92 7.70
C LEU A 166 6.08 -10.97 7.90
N ILE A 167 6.43 -11.25 9.15
CA ILE A 167 7.42 -12.29 9.43
C ILE A 167 6.91 -13.66 8.97
N ASP A 168 5.65 -13.98 9.26
CA ASP A 168 5.09 -15.25 8.80
C ASP A 168 5.04 -15.33 7.27
N ARG A 169 4.73 -14.21 6.61
CA ARG A 169 4.77 -14.22 5.15
C ARG A 169 6.18 -14.46 4.63
N PHE A 170 7.18 -13.88 5.29
CA PHE A 170 8.57 -14.11 4.86
C PHE A 170 8.99 -15.55 5.12
N VAL A 171 8.47 -16.19 6.17
CA VAL A 171 8.74 -17.62 6.35
C VAL A 171 8.09 -18.40 5.21
N GLU A 172 6.83 -18.10 4.91
CA GLU A 172 6.17 -18.71 3.75
C GLU A 172 7.00 -18.57 2.50
N LEU A 173 7.46 -17.35 2.21
CA LEU A 173 8.23 -17.12 0.99
C LEU A 173 9.51 -17.96 0.99
N ARG A 174 10.21 -18.01 2.13
CA ARG A 174 11.46 -18.76 2.17
C ARG A 174 11.20 -20.25 2.08
N GLU A 175 10.23 -20.76 2.82
CA GLU A 175 10.09 -22.21 2.91
C GLU A 175 9.32 -22.81 1.74
N GLN A 176 8.36 -22.08 1.18
CA GLN A 176 7.56 -22.65 0.10
C GLN A 176 7.81 -22.05 -1.27
N TYR A 177 8.41 -20.86 -1.35
CA TYR A 177 8.72 -20.27 -2.65
C TYR A 177 10.21 -20.16 -2.93
N GLY A 178 11.06 -20.68 -2.04
CA GLY A 178 12.50 -20.65 -2.27
C GLY A 178 13.18 -19.31 -2.15
N PHE A 179 12.57 -18.34 -1.43
CA PHE A 179 13.21 -17.05 -1.16
C PHE A 179 14.23 -17.23 -0.03
N GLN A 180 15.40 -17.77 -0.39
CA GLN A 180 16.47 -17.91 0.60
C GLN A 180 17.27 -16.63 0.76
N LEU A 181 17.57 -15.98 -0.37
CA LEU A 181 18.31 -14.72 -0.40
C LEU A 181 17.37 -13.68 -1.00
N LEU A 182 17.16 -12.58 -0.29
CA LEU A 182 16.30 -11.49 -0.76
C LEU A 182 17.14 -10.22 -0.86
N HIS A 183 17.26 -9.67 -2.06
CA HIS A 183 17.79 -8.32 -2.18
C HIS A 183 16.67 -7.31 -1.94
N LEU A 184 17.04 -6.13 -1.41
CA LEU A 184 16.11 -5.03 -1.19
C LEU A 184 16.69 -3.76 -1.80
N THR A 185 15.84 -2.94 -2.42
CA THR A 185 16.40 -1.83 -3.18
C THR A 185 15.44 -0.64 -3.17
N CYS A 186 16.02 0.54 -3.38
CA CYS A 186 15.28 1.76 -3.64
C CYS A 186 16.20 2.75 -4.35
N CYS A 187 15.62 3.87 -4.77
CA CYS A 187 16.40 4.92 -5.41
C CYS A 187 17.28 5.62 -4.38
N ARG A 188 18.55 5.75 -4.71
CA ARG A 188 19.46 6.52 -3.89
C ARG A 188 18.89 7.91 -3.65
N ASP A 189 18.99 8.36 -2.39
CA ASP A 189 18.57 9.70 -1.98
C ASP A 189 17.05 9.84 -1.86
N THR A 190 16.37 8.76 -1.47
CA THR A 190 14.94 8.84 -1.25
C THR A 190 14.59 8.39 0.16
N VAL A 191 14.09 7.17 0.30
CA VAL A 191 13.46 6.71 1.53
C VAL A 191 14.26 5.59 2.20
N GLU A 192 15.55 5.45 1.88
CA GLU A 192 16.34 4.39 2.49
C GLU A 192 16.50 4.60 4.00
N ASP A 193 16.55 5.85 4.45
CA ASP A 193 16.61 6.20 5.85
C ASP A 193 15.26 6.56 6.45
N ARG A 194 14.17 6.39 5.69
CA ARG A 194 12.85 6.48 6.31
C ARG A 194 12.67 5.40 7.37
N GLY A 195 13.27 4.23 7.17
CA GLY A 195 13.13 3.11 8.08
C GLY A 195 12.44 1.90 7.48
N THR A 196 11.75 2.08 6.35
CA THR A 196 11.01 0.99 5.71
C THR A 196 11.94 -0.16 5.34
N ILE A 197 12.96 0.11 4.53
CA ILE A 197 13.84 -0.96 4.07
C ILE A 197 14.45 -1.69 5.27
N GLN A 198 14.96 -0.93 6.25
CA GLN A 198 15.61 -1.57 7.40
C GLN A 198 14.62 -2.38 8.21
N TYR A 199 13.37 -1.93 8.31
CA TYR A 199 12.39 -2.67 9.09
C TYR A 199 12.00 -3.96 8.38
N LEU A 200 11.78 -3.90 7.06
CA LEU A 200 11.47 -5.13 6.33
C LEU A 200 12.65 -6.10 6.33
N GLN A 201 13.87 -5.57 6.18
CA GLN A 201 15.07 -6.38 6.32
C GLN A 201 15.11 -7.10 7.65
N ASP A 202 14.82 -6.41 8.76
CA ASP A 202 14.80 -7.09 10.05
C ASP A 202 13.69 -8.14 10.12
N CYS A 203 12.54 -7.89 9.48
CA CYS A 203 11.49 -8.90 9.46
C CYS A 203 11.92 -10.11 8.66
N ALA A 204 12.61 -9.89 7.54
CA ALA A 204 13.06 -11.02 6.74
C ALA A 204 14.12 -11.81 7.48
N THR A 205 15.04 -11.09 8.13
CA THR A 205 16.08 -11.71 8.94
C THR A 205 15.48 -12.58 10.03
N GLU A 206 14.47 -12.05 10.75
CA GLU A 206 13.76 -12.88 11.72
C GLU A 206 13.20 -14.15 11.10
N ALA A 207 12.72 -14.07 9.85
CA ALA A 207 12.23 -15.25 9.15
C ALA A 207 13.36 -16.09 8.57
N GLU A 208 14.61 -15.81 8.94
CA GLU A 208 15.79 -16.59 8.53
C GLU A 208 16.05 -16.49 7.04
N ILE A 209 15.72 -15.33 6.46
CA ILE A 209 16.05 -15.02 5.08
C ILE A 209 17.33 -14.20 5.08
N ALA A 210 18.27 -14.56 4.21
CA ALA A 210 19.46 -13.71 4.04
C ALA A 210 19.08 -12.51 3.18
N THR A 211 19.52 -11.31 3.58
CA THR A 211 19.17 -10.11 2.86
C THR A 211 20.42 -9.36 2.40
N GLU A 212 20.26 -8.55 1.37
CA GLU A 212 21.29 -7.61 0.92
C GLU A 212 20.60 -6.36 0.43
N PHE A 213 21.05 -5.20 0.89
CA PHE A 213 20.53 -3.94 0.37
C PHE A 213 21.48 -3.40 -0.71
N LEU A 214 20.90 -2.80 -1.75
CA LEU A 214 21.68 -2.07 -2.73
C LEU A 214 20.76 -1.08 -3.41
N TYR A 215 21.32 0.06 -3.81
CA TYR A 215 20.54 1.09 -4.48
C TYR A 215 20.22 0.65 -5.92
N ILE A 216 19.17 1.26 -6.48
CA ILE A 216 18.76 0.93 -7.84
C ILE A 216 19.95 1.00 -8.80
N ASP A 217 20.77 2.05 -8.67
CA ASP A 217 21.89 2.29 -9.56
C ASP A 217 23.06 1.34 -9.32
N ASP A 218 23.05 0.59 -8.20
CA ASP A 218 24.06 -0.43 -7.94
C ASP A 218 23.78 -1.72 -8.69
N ILE A 219 22.59 -1.88 -9.26
CA ILE A 219 22.24 -3.14 -9.93
C ILE A 219 22.93 -3.22 -11.27
N GLY A 220 23.63 -4.33 -11.51
CA GLY A 220 24.32 -4.52 -12.77
C GLY A 220 23.62 -5.46 -13.75
N LEU A 221 23.94 -5.32 -15.02
CA LEU A 221 23.38 -6.14 -16.09
C LEU A 221 24.44 -7.14 -16.51
N GLY A 222 24.20 -8.42 -16.20
CA GLY A 222 25.15 -9.47 -16.49
C GLY A 222 25.23 -9.78 -17.98
N GLU A 223 26.03 -10.81 -18.30
CA GLU A 223 26.32 -11.13 -19.69
C GLU A 223 25.11 -11.76 -20.38
N LYS A 224 24.37 -12.61 -19.67
CA LYS A 224 23.18 -13.24 -20.23
C LYS A 224 21.89 -12.56 -19.77
N GLY A 225 21.97 -11.27 -19.42
CA GLY A 225 20.80 -10.48 -19.08
C GLY A 225 20.39 -10.51 -17.62
N GLN A 226 21.09 -11.27 -16.78
CA GLN A 226 20.70 -11.37 -15.39
C GLN A 226 21.08 -10.09 -14.64
N PHE A 227 20.33 -9.78 -13.59
CA PHE A 227 20.67 -8.63 -12.75
C PHE A 227 21.61 -9.09 -11.65
N THR A 228 22.58 -8.23 -11.30
CA THR A 228 23.65 -8.59 -10.40
C THR A 228 23.86 -7.52 -9.33
N ASP A 229 24.34 -7.95 -8.17
CA ASP A 229 24.39 -7.07 -7.01
C ASP A 229 25.77 -6.44 -6.88
N LEU A 230 26.06 -5.89 -5.70
CA LEU A 230 27.33 -5.23 -5.44
C LEU A 230 28.49 -6.22 -5.25
N GLN A 231 28.22 -7.53 -5.28
CA GLN A 231 29.27 -8.54 -5.37
C GLN A 231 29.19 -9.30 -6.70
N ASP A 232 28.66 -8.65 -7.74
CA ASP A 232 28.51 -9.22 -9.10
C ASP A 232 27.82 -10.58 -9.09
N GLN A 233 27.06 -10.88 -8.04
CA GLN A 233 26.32 -12.14 -7.91
C GLN A 233 24.90 -11.97 -8.44
N VAL A 234 24.30 -13.09 -8.85
CA VAL A 234 22.97 -13.04 -9.47
C VAL A 234 21.93 -12.67 -8.42
N ILE A 235 21.05 -11.73 -8.78
CA ILE A 235 19.89 -11.39 -7.95
C ILE A 235 18.72 -12.25 -8.41
N SER A 236 18.19 -13.07 -7.50
CA SER A 236 17.04 -13.93 -7.80
C SER A 236 15.73 -13.34 -7.31
N ASN A 237 15.75 -12.70 -6.15
CA ASN A 237 14.56 -12.20 -5.46
C ASN A 237 14.85 -10.77 -5.03
N LEU A 238 14.00 -9.84 -5.42
CA LEU A 238 14.27 -8.43 -5.19
C LEU A 238 13.03 -7.72 -4.68
N PHE A 239 13.08 -7.22 -3.46
CA PHE A 239 12.08 -6.28 -2.97
C PHE A 239 12.47 -4.88 -3.41
N LYS A 240 11.49 -4.12 -3.91
CA LYS A 240 11.75 -2.79 -4.44
C LYS A 240 10.78 -1.77 -3.85
N LEU A 241 11.31 -0.63 -3.46
CA LEU A 241 10.47 0.50 -3.07
C LEU A 241 10.50 1.52 -4.20
N TYR A 242 9.95 1.14 -5.35
CA TYR A 242 10.00 1.84 -6.62
C TYR A 242 8.83 1.31 -7.45
N PRO A 243 7.91 2.18 -7.92
CA PRO A 243 6.65 1.66 -8.47
C PRO A 243 6.80 1.12 -9.88
N TRP A 244 6.01 0.08 -10.17
CA TRP A 244 5.95 -0.49 -11.50
C TRP A 244 5.60 0.57 -12.54
N GLU A 245 4.83 1.59 -12.17
CA GLU A 245 4.46 2.56 -13.18
C GLU A 245 5.66 3.27 -13.75
N PHE A 246 6.73 3.43 -12.94
CA PHE A 246 7.95 3.99 -13.50
C PHE A 246 8.78 2.92 -14.20
N MET A 247 8.90 1.74 -13.58
CA MET A 247 9.80 0.71 -14.09
C MET A 247 9.36 0.22 -15.47
N LEU A 248 8.05 0.07 -15.68
CA LEU A 248 7.63 -0.47 -16.97
C LEU A 248 7.88 0.50 -18.11
N ARG A 249 8.15 1.77 -17.81
CA ARG A 249 8.43 2.77 -18.85
C ARG A 249 9.91 3.15 -18.92
N GLU A 250 10.75 2.54 -18.08
CA GLU A 250 12.13 2.92 -17.94
C GLU A 250 12.97 2.35 -19.08
N MET A 251 14.22 2.84 -19.16
CA MET A 251 15.02 2.64 -20.36
C MET A 251 15.22 1.16 -20.70
N PHE A 252 15.60 0.36 -19.71
CA PHE A 252 15.80 -1.04 -20.07
C PHE A 252 14.72 -1.90 -19.43
N SER A 253 13.45 -1.50 -19.63
CA SER A 253 12.32 -2.31 -19.19
C SER A 253 12.08 -3.53 -20.08
N THR A 254 12.59 -3.52 -21.32
CA THR A 254 12.48 -4.74 -22.10
C THR A 254 13.38 -5.85 -21.55
N LYS A 255 14.39 -5.49 -20.76
CA LYS A 255 15.22 -6.47 -20.07
C LYS A 255 14.44 -7.23 -18.99
N LEU A 256 13.30 -6.69 -18.55
CA LEU A 256 12.58 -7.27 -17.42
C LEU A 256 12.20 -8.71 -17.69
N GLU A 257 11.72 -9.00 -18.90
CA GLU A 257 11.16 -10.31 -19.19
C GLU A 257 12.16 -11.43 -18.97
N ASP A 258 13.44 -11.19 -19.28
CA ASP A 258 14.48 -12.21 -19.21
C ASP A 258 15.47 -11.98 -18.09
N ALA A 259 15.23 -11.01 -17.20
CA ALA A 259 16.17 -10.71 -16.13
C ALA A 259 16.31 -11.85 -15.14
N GLY A 260 15.33 -12.75 -15.07
CA GLY A 260 15.41 -13.84 -14.12
C GLY A 260 15.23 -13.45 -12.68
N VAL A 261 14.46 -12.40 -12.40
CA VAL A 261 14.26 -11.87 -11.05
C VAL A 261 12.80 -12.06 -10.69
N ARG A 262 12.54 -12.58 -9.49
CA ARG A 262 11.23 -12.49 -8.88
C ARG A 262 11.16 -11.21 -8.04
N TRP A 263 10.03 -10.51 -8.14
CA TRP A 263 9.87 -9.17 -7.57
C TRP A 263 8.83 -9.16 -6.47
N LEU A 264 9.10 -8.36 -5.44
CA LEU A 264 8.09 -7.94 -4.47
C LEU A 264 7.99 -6.42 -4.53
N GLU A 265 6.80 -5.88 -4.83
CA GLU A 265 5.62 -6.61 -5.25
C GLU A 265 5.76 -7.14 -6.69
N PRO A 266 5.13 -8.28 -6.99
CA PRO A 266 5.27 -8.86 -8.33
C PRO A 266 4.64 -7.96 -9.38
N ALA A 267 5.02 -8.21 -10.63
CA ALA A 267 4.65 -7.31 -11.72
C ALA A 267 3.14 -7.22 -11.88
N TRP A 268 2.40 -8.30 -11.59
CA TRP A 268 0.96 -8.24 -11.79
C TRP A 268 0.29 -7.25 -10.86
N LYS A 269 0.92 -6.88 -9.76
CA LYS A 269 0.35 -5.84 -8.90
C LYS A 269 0.25 -4.50 -9.62
N SER A 270 1.01 -4.30 -10.71
CA SER A 270 0.83 -3.11 -11.54
C SER A 270 -0.62 -2.92 -11.97
N ILE A 271 -1.43 -3.97 -12.03
CA ILE A 271 -2.82 -3.84 -12.47
C ILE A 271 -3.72 -3.39 -11.33
N ILE A 272 -3.41 -3.79 -10.10
CA ILE A 272 -4.23 -3.45 -8.94
C ILE A 272 -3.94 -2.03 -8.48
N SER A 273 -2.67 -1.65 -8.55
CA SER A 273 -2.13 -0.39 -8.06
C SER A 273 -2.30 0.68 -9.13
N ASN A 274 -3.37 0.56 -9.87
CA ASN A 274 -3.67 1.30 -11.08
C ASN A 274 -5.09 1.84 -10.90
N LYS A 275 -5.30 3.13 -11.14
CA LYS A 275 -6.63 3.69 -10.94
C LYS A 275 -7.69 3.03 -11.82
N ALA A 276 -7.30 2.49 -12.98
CA ALA A 276 -8.25 1.74 -13.80
C ALA A 276 -8.91 0.61 -13.02
N LEU A 277 -8.33 0.20 -11.89
CA LEU A 277 -8.97 -0.77 -11.01
C LEU A 277 -10.37 -0.34 -10.63
N LEU A 278 -10.57 0.97 -10.40
CA LEU A 278 -11.82 1.46 -9.86
C LEU A 278 -13.02 1.25 -10.80
N PRO A 279 -12.92 1.58 -12.10
CA PRO A 279 -14.04 1.22 -12.98
C PRO A 279 -14.23 -0.27 -13.10
N LEU A 280 -13.14 -1.05 -13.16
CA LEU A 280 -13.34 -2.48 -13.32
C LEU A 280 -14.04 -3.10 -12.11
N LEU A 281 -13.72 -2.64 -10.90
CA LEU A 281 -14.40 -3.15 -9.73
C LEU A 281 -15.90 -2.83 -9.80
N TRP A 282 -16.24 -1.62 -10.20
CA TRP A 282 -17.62 -1.21 -10.28
C TRP A 282 -18.39 -2.00 -11.34
N GLU A 283 -17.76 -2.29 -12.47
CA GLU A 283 -18.46 -3.08 -13.50
C GLU A 283 -18.65 -4.53 -13.06
N MET A 284 -17.64 -5.13 -12.44
CA MET A 284 -17.74 -6.53 -12.05
C MET A 284 -18.59 -6.71 -10.79
N PHE A 285 -18.72 -5.69 -9.97
CA PHE A 285 -19.43 -5.81 -8.70
C PHE A 285 -20.34 -4.58 -8.54
N PRO A 286 -21.28 -4.39 -9.48
CA PRO A 286 -22.13 -3.19 -9.43
C PRO A 286 -22.85 -3.09 -8.11
N ASN A 287 -22.85 -1.87 -7.56
CA ASN A 287 -23.51 -1.53 -6.31
C ASN A 287 -22.98 -2.34 -5.12
N HIS A 288 -21.73 -2.81 -5.20
CA HIS A 288 -21.10 -3.37 -4.02
C HIS A 288 -21.14 -2.35 -2.89
N PRO A 289 -21.43 -2.77 -1.66
CA PRO A 289 -21.56 -1.80 -0.56
C PRO A 289 -20.31 -0.97 -0.28
N ASN A 290 -19.12 -1.46 -0.62
CA ASN A 290 -17.88 -0.77 -0.32
C ASN A 290 -17.18 -0.22 -1.56
N LEU A 291 -17.87 -0.19 -2.69
CA LEU A 291 -17.37 0.46 -3.89
C LEU A 291 -18.11 1.76 -4.14
N LEU A 292 -17.48 2.63 -4.87
CA LEU A 292 -18.01 3.85 -5.42
C LEU A 292 -18.16 3.72 -6.92
N PRO A 293 -19.25 4.26 -7.46
CA PRO A 293 -19.37 4.37 -8.92
C PRO A 293 -18.11 4.95 -9.54
N ALA A 294 -17.58 4.25 -10.53
CA ALA A 294 -16.39 4.70 -11.22
C ALA A 294 -16.43 4.23 -12.67
N TYR A 295 -15.92 5.06 -13.56
CA TYR A 295 -15.99 4.77 -14.97
C TYR A 295 -14.74 5.33 -15.62
N PHE A 296 -14.35 4.72 -16.73
CA PHE A 296 -13.36 5.36 -17.59
C PHE A 296 -13.95 6.64 -18.18
N ALA A 297 -13.14 7.70 -18.18
CA ALA A 297 -13.65 8.99 -18.65
C ALA A 297 -13.96 8.98 -20.14
N GLU A 298 -13.21 8.19 -20.92
CA GLU A 298 -13.42 8.16 -22.36
C GLU A 298 -14.72 7.46 -22.75
N ASP A 299 -15.28 6.65 -21.86
CA ASP A 299 -16.49 5.89 -22.15
C ASP A 299 -17.73 6.73 -21.91
N ASP A 300 -18.80 6.38 -22.63
CA ASP A 300 -20.13 6.89 -22.33
C ASP A 300 -20.58 6.27 -21.00
N HIS A 301 -20.75 7.08 -19.99
CA HIS A 301 -21.06 6.58 -18.66
C HIS A 301 -22.15 7.42 -18.03
N PRO A 302 -22.89 6.86 -17.09
CA PRO A 302 -23.91 7.65 -16.38
C PRO A 302 -23.32 8.93 -15.80
N GLN A 303 -24.11 9.99 -15.86
CA GLN A 303 -23.68 11.28 -15.34
C GLN A 303 -23.72 11.27 -13.81
N MET A 304 -22.80 12.01 -13.20
CA MET A 304 -22.69 12.09 -11.75
C MET A 304 -22.69 13.56 -11.33
N GLU A 305 -23.40 13.85 -10.24
CA GLU A 305 -23.53 15.22 -9.75
C GLU A 305 -22.15 15.83 -9.46
N LYS A 306 -21.37 15.19 -8.58
CA LYS A 306 -20.01 15.60 -8.28
C LYS A 306 -19.12 14.37 -8.25
N TYR A 307 -17.92 14.49 -8.81
CA TYR A 307 -17.05 13.34 -8.95
C TYR A 307 -15.59 13.79 -8.90
N VAL A 308 -14.69 12.81 -8.95
CA VAL A 308 -13.25 13.02 -8.87
C VAL A 308 -12.63 12.38 -10.10
N VAL A 309 -11.67 13.07 -10.69
CA VAL A 309 -10.94 12.53 -11.84
C VAL A 309 -9.55 12.11 -11.38
N LYS A 310 -9.10 10.93 -11.83
CA LYS A 310 -7.84 10.36 -11.41
C LYS A 310 -7.12 9.77 -12.60
N PRO A 311 -5.80 9.90 -12.67
CA PRO A 311 -5.04 9.41 -13.82
C PRO A 311 -4.77 7.91 -13.73
N ILE A 312 -4.62 7.31 -14.92
CA ILE A 312 -4.33 5.89 -15.06
C ILE A 312 -2.82 5.62 -15.03
N PHE A 313 -1.99 6.62 -14.71
CA PHE A 313 -0.56 6.38 -14.47
C PHE A 313 0.03 7.63 -13.80
N SER A 314 0.26 7.52 -12.49
CA SER A 314 0.90 8.56 -11.69
C SER A 314 1.41 7.98 -10.37
N ASN A 319 -2.55 14.50 -10.81
CA ASN A 319 -3.08 15.11 -9.59
C ASN A 319 -4.60 15.06 -9.58
N VAL A 320 -5.19 14.51 -8.51
CA VAL A 320 -6.64 14.33 -8.45
C VAL A 320 -7.31 15.70 -8.33
N SER A 321 -8.46 15.84 -8.97
CA SER A 321 -9.25 17.06 -8.86
C SER A 321 -10.73 16.69 -8.83
N ILE A 322 -11.54 17.64 -8.35
CA ILE A 322 -12.97 17.42 -8.18
C ILE A 322 -13.72 18.32 -9.14
N ILE A 323 -14.83 17.79 -9.66
CA ILE A 323 -15.70 18.52 -10.57
C ILE A 323 -17.09 18.62 -9.97
N PRO A 335 -9.94 20.14 -16.45
CA PRO A 335 -8.61 20.61 -16.85
C PRO A 335 -7.71 19.48 -17.34
N TYR A 336 -8.04 18.24 -16.99
CA TYR A 336 -7.20 17.11 -17.35
C TYR A 336 -7.62 16.46 -18.67
N GLY A 337 -8.83 16.72 -19.14
CA GLY A 337 -9.33 16.04 -20.31
C GLY A 337 -9.86 14.66 -19.98
N GLU A 338 -10.19 13.91 -21.02
CA GLU A 338 -10.76 12.57 -20.83
C GLU A 338 -9.73 11.47 -20.94
N GLU A 339 -8.80 11.57 -21.90
CA GLU A 339 -7.91 10.46 -22.23
C GLU A 339 -7.06 10.07 -21.03
N GLY A 340 -7.02 8.77 -20.74
CA GLY A 340 -6.19 8.26 -19.67
C GLY A 340 -6.68 8.59 -18.29
N MET A 341 -7.98 8.90 -18.14
CA MET A 341 -8.56 9.30 -16.86
C MET A 341 -9.73 8.40 -16.51
N ILE A 342 -9.89 8.14 -15.22
CA ILE A 342 -11.10 7.54 -14.70
C ILE A 342 -11.83 8.62 -13.91
N VAL A 343 -13.14 8.44 -13.77
CA VAL A 343 -13.96 9.28 -12.90
C VAL A 343 -14.56 8.38 -11.83
N GLN A 344 -14.70 8.91 -10.63
CA GLN A 344 -15.26 8.21 -9.48
C GLN A 344 -16.15 9.16 -8.71
N GLN A 345 -17.35 8.67 -8.35
CA GLN A 345 -18.30 9.43 -7.54
C GLN A 345 -17.62 10.04 -6.33
N PHE A 346 -17.81 11.34 -6.15
CA PHE A 346 -17.27 12.02 -4.99
C PHE A 346 -17.87 11.50 -3.71
N HIS A 347 -17.03 11.33 -2.68
CA HIS A 347 -17.45 10.79 -1.40
C HIS A 347 -16.56 11.42 -0.35
N PRO A 348 -17.03 12.48 0.32
CA PRO A 348 -16.13 13.26 1.19
C PRO A 348 -15.62 12.43 2.35
N LEU A 349 -14.34 12.57 2.64
CA LEU A 349 -13.75 12.03 3.85
C LEU A 349 -14.43 12.66 5.06
N PRO A 350 -14.57 11.92 6.16
CA PRO A 350 -15.08 12.53 7.39
C PRO A 350 -14.12 13.59 7.90
N LYS A 351 -14.68 14.67 8.42
CA LYS A 351 -13.91 15.78 8.93
C LYS A 351 -13.92 15.72 10.46
N PHE A 352 -12.72 15.74 11.05
CA PHE A 352 -12.51 15.77 12.50
C PHE A 352 -11.76 17.07 12.80
N GLY A 353 -12.46 18.04 13.39
CA GLY A 353 -11.87 19.34 13.53
C GLY A 353 -11.63 19.99 12.18
N ASP A 354 -10.39 20.42 11.92
CA ASP A 354 -10.05 21.08 10.68
C ASP A 354 -9.44 20.14 9.64
N SER A 355 -9.45 18.83 9.87
CA SER A 355 -8.80 17.87 8.98
C SER A 355 -9.76 16.78 8.53
N TYR A 356 -9.52 16.29 7.33
CA TYR A 356 -10.18 15.11 6.81
C TYR A 356 -9.38 13.86 7.17
N MET A 357 -10.08 12.78 7.51
CA MET A 357 -9.47 11.56 8.01
C MET A 357 -9.66 10.43 7.00
N LEU A 358 -8.64 9.59 6.86
CA LEU A 358 -8.64 8.49 5.91
C LEU A 358 -8.06 7.25 6.58
N ILE A 359 -8.66 6.11 6.34
CA ILE A 359 -8.19 4.86 6.92
C ILE A 359 -7.30 4.16 5.90
N GLY A 360 -6.12 3.71 6.35
CA GLY A 360 -5.27 2.89 5.52
C GLY A 360 -5.27 1.47 6.07
N SER A 361 -5.82 0.53 5.32
CA SER A 361 -6.06 -0.81 5.83
C SER A 361 -5.19 -1.80 5.10
N TRP A 362 -4.31 -2.46 5.83
CA TRP A 362 -3.19 -3.22 5.30
C TRP A 362 -3.58 -4.65 5.03
N LEU A 363 -2.99 -5.21 3.99
CA LEU A 363 -3.04 -6.63 3.69
C LEU A 363 -1.62 -7.16 3.67
N VAL A 364 -1.40 -8.32 4.27
CA VAL A 364 -0.19 -9.11 4.08
C VAL A 364 -0.63 -10.32 3.26
N ASN A 365 -0.14 -10.40 2.02
CA ASN A 365 -0.71 -11.28 1.00
C ASN A 365 -2.21 -11.06 0.91
N ASP A 366 -3.02 -12.02 1.37
CA ASP A 366 -4.47 -11.86 1.36
C ASP A 366 -5.06 -11.64 2.75
N GLN A 367 -4.25 -11.37 3.76
CA GLN A 367 -4.73 -11.34 5.13
C GLN A 367 -4.76 -9.92 5.68
N PRO A 368 -5.93 -9.42 6.06
CA PRO A 368 -5.97 -8.10 6.69
C PRO A 368 -5.07 -8.07 7.91
N ALA A 369 -4.27 -7.02 8.02
CA ALA A 369 -3.28 -6.94 9.10
C ALA A 369 -3.40 -5.69 9.96
N GLY A 370 -4.44 -4.88 9.80
CA GLY A 370 -4.66 -3.72 10.64
C GLY A 370 -4.64 -2.43 9.86
N ILE A 371 -4.74 -1.32 10.59
CA ILE A 371 -4.97 -0.03 9.96
C ILE A 371 -3.99 1.03 10.45
N GLY A 372 -3.83 2.07 9.64
CA GLY A 372 -3.23 3.32 10.08
C GLY A 372 -4.12 4.45 9.67
N ILE A 373 -4.17 5.49 10.50
CA ILE A 373 -5.06 6.61 10.28
C ILE A 373 -4.22 7.80 9.83
N ARG A 374 -4.66 8.47 8.77
CA ARG A 374 -3.96 9.64 8.28
C ARG A 374 -4.92 10.83 8.22
N GLU A 375 -4.37 12.02 8.44
CA GLU A 375 -5.10 13.28 8.42
C GLU A 375 -4.44 14.26 7.45
N ASP A 376 -5.26 15.07 6.80
CA ASP A 376 -4.76 16.20 6.02
C ASP A 376 -5.81 17.32 6.03
N ARG A 377 -5.32 18.56 5.96
CA ARG A 377 -6.18 19.73 5.94
C ARG A 377 -6.96 19.88 4.64
N ALA A 378 -6.54 19.21 3.56
CA ALA A 378 -7.13 19.38 2.24
C ALA A 378 -7.84 18.11 1.79
N LEU A 379 -8.96 18.28 1.10
CA LEU A 379 -9.69 17.15 0.55
C LEU A 379 -8.97 16.60 -0.68
N SER A 385 -0.85 14.20 4.96
CA SER A 385 0.42 14.71 5.45
C SER A 385 0.76 14.17 6.84
N ARG A 386 -0.25 13.78 7.63
CA ARG A 386 -0.04 13.46 9.04
C ARG A 386 -0.61 12.10 9.40
N PHE A 387 0.16 11.32 10.17
CA PHE A 387 -0.22 9.98 10.61
C PHE A 387 -0.52 10.00 12.09
N TYR A 388 -1.65 9.41 12.50
CA TYR A 388 -2.02 9.34 13.90
C TYR A 388 -2.22 7.90 14.32
N PRO A 389 -1.80 7.53 15.53
CA PRO A 389 -2.06 6.19 16.05
C PRO A 389 -3.53 6.02 16.40
N HIS A 390 -3.92 4.77 16.65
CA HIS A 390 -5.28 4.47 17.06
C HIS A 390 -5.30 3.38 18.11
N ILE A 391 -6.46 3.24 18.76
CA ILE A 391 -6.78 2.11 19.62
C ILE A 391 -8.21 1.68 19.31
N PHE A 392 -8.59 0.52 19.82
CA PHE A 392 -9.98 0.14 19.85
C PHE A 392 -10.28 -0.49 21.20
N VAL A 393 -11.52 -0.31 21.66
CA VAL A 393 -11.92 -0.75 23.00
C VAL A 393 -13.08 -1.72 22.90
#